data_3ZHN
#
_entry.id   3ZHN
#
_cell.length_a   38.315
_cell.length_b   41.637
_cell.length_c   76.947
_cell.angle_alpha   90.00
_cell.angle_beta   90.00
_cell.angle_gamma   90.00
#
_symmetry.space_group_name_H-M   'P 2 21 21'
#
loop_
_entity.id
_entity.type
_entity.pdbx_description
1 polymer PA_0080
2 non-polymer 'IODIDE ION'
3 water water
#
_entity_poly.entity_id   1
_entity_poly.type   'polypeptide(L)'
_entity_poly.pdbx_seq_one_letter_code
;MGSSHHHHHHSSGLVPRGSHMSSSPPETPPTRVVIWLHAAPNLNPSAAGQAAPLRLRLYELKKDTAFGRADYFALTDNAQ
STLGGDLVEQDEFLLRPGEERRIERTLDEQTRQLGFVAAYRDLDRATWRQVLDVPGQRTSHLDITLGAQAIGIVARPAP
;
_entity_poly.pdbx_strand_id   A
#
# COMPACT_ATOMS: atom_id res chain seq x y z
N PRO A 29 -23.78 0.35 6.81
CA PRO A 29 -22.47 0.21 7.44
C PRO A 29 -21.33 0.82 6.60
N PRO A 30 -20.30 1.36 7.25
CA PRO A 30 -19.12 1.84 6.54
C PRO A 30 -18.28 0.68 5.93
N THR A 31 -17.52 0.98 4.92
CA THR A 31 -16.52 0.06 4.43
C THR A 31 -15.36 0.14 5.46
N ARG A 32 -15.09 -0.94 6.15
CA ARG A 32 -14.07 -1.01 7.17
CA ARG A 32 -14.04 -1.03 7.18
C ARG A 32 -12.94 -1.89 6.74
N VAL A 33 -11.72 -1.39 6.94
CA VAL A 33 -10.53 -2.12 6.57
C VAL A 33 -9.60 -2.13 7.81
N VAL A 34 -9.09 -3.32 8.15
CA VAL A 34 -8.02 -3.48 9.05
C VAL A 34 -6.85 -4.09 8.31
N ILE A 35 -5.68 -3.44 8.42
CA ILE A 35 -4.48 -3.91 7.80
C ILE A 35 -3.43 -4.14 8.87
N TRP A 36 -2.91 -5.35 8.85
CA TRP A 36 -1.71 -5.66 9.61
C TRP A 36 -0.53 -5.62 8.67
N LEU A 37 0.40 -4.71 8.94
CA LEU A 37 1.60 -4.51 8.12
C LEU A 37 2.76 -5.23 8.76
N HIS A 38 3.45 -6.11 8.01
CA HIS A 38 4.52 -6.88 8.51
C HIS A 38 5.74 -6.56 7.67
N ALA A 39 6.69 -5.84 8.26
CA ALA A 39 7.91 -5.51 7.56
C ALA A 39 8.90 -6.63 7.82
N ALA A 40 9.39 -7.30 6.74
CA ALA A 40 10.21 -8.47 6.94
C ALA A 40 11.57 -8.13 7.55
N PRO A 41 12.21 -9.10 8.17
CA PRO A 41 13.58 -8.94 8.63
C PRO A 41 14.55 -8.56 7.55
N ASN A 42 14.32 -9.03 6.36
CA ASN A 42 15.15 -8.71 5.19
C ASN A 42 14.59 -7.54 4.30
N LEU A 43 13.82 -6.67 4.92
CA LEU A 43 13.23 -5.53 4.25
C LEU A 43 14.22 -4.74 3.40
N ASN A 44 13.86 -4.43 2.16
CA ASN A 44 14.51 -3.43 1.32
C ASN A 44 16.02 -3.36 1.50
N PRO A 45 16.74 -4.46 1.20
CA PRO A 45 18.18 -4.48 1.55
C PRO A 45 19.02 -3.57 0.70
N SER A 46 20.13 -3.19 1.27
CA SER A 46 21.14 -2.45 0.57
C SER A 46 21.78 -3.34 -0.50
N ALA A 47 22.70 -2.78 -1.27
CA ALA A 47 23.47 -3.57 -2.24
C ALA A 47 24.28 -4.69 -1.58
N ALA A 48 24.57 -4.53 -0.27
CA ALA A 48 25.26 -5.56 0.52
C ALA A 48 24.33 -6.59 1.20
N GLY A 49 23.03 -6.40 1.04
CA GLY A 49 22.07 -7.27 1.70
C GLY A 49 21.69 -6.88 3.14
N GLN A 50 22.09 -5.68 3.55
CA GLN A 50 21.72 -5.20 4.88
C GLN A 50 20.29 -4.63 4.83
N ALA A 51 19.42 -5.06 5.72
CA ALA A 51 18.07 -4.63 5.67
C ALA A 51 18.00 -3.14 5.99
N ALA A 52 17.02 -2.45 5.42
CA ALA A 52 16.95 -1.00 5.56
C ALA A 52 15.48 -0.60 5.62
N PRO A 53 15.18 0.61 6.07
CA PRO A 53 13.83 1.05 6.06
C PRO A 53 13.21 1.20 4.69
N LEU A 54 11.88 1.17 4.68
CA LEU A 54 11.06 1.22 3.48
C LEU A 54 9.95 2.26 3.70
N ARG A 55 9.87 3.24 2.80
CA ARG A 55 8.73 4.15 2.77
C ARG A 55 7.58 3.51 2.01
N LEU A 56 6.40 3.51 2.63
CA LEU A 56 5.19 2.98 2.01
C LEU A 56 4.15 4.08 1.97
N ARG A 57 3.46 4.14 0.85
CA ARG A 57 2.34 5.04 0.64
C ARG A 57 1.09 4.20 0.33
N LEU A 58 0.01 4.50 1.03
CA LEU A 58 -1.30 3.97 0.82
C LEU A 58 -2.17 5.02 0.18
N TYR A 59 -2.92 4.62 -0.85
CA TYR A 59 -3.79 5.52 -1.61
C TYR A 59 -5.25 4.99 -1.57
N GLU A 60 -6.17 5.86 -1.15
CA GLU A 60 -7.58 5.57 -1.31
C GLU A 60 -7.99 6.14 -2.66
N LEU A 61 -8.59 5.29 -3.47
CA LEU A 61 -8.90 5.52 -4.89
C LEU A 61 -10.38 5.31 -5.24
N LYS A 62 -10.93 6.20 -6.08
CA LYS A 62 -12.22 5.95 -6.67
C LYS A 62 -12.15 5.02 -7.91
N LYS A 63 -11.06 5.12 -8.65
CA LYS A 63 -10.75 4.33 -9.81
C LYS A 63 -9.25 4.09 -9.79
N ASP A 64 -8.80 2.99 -10.41
CA ASP A 64 -7.39 2.61 -10.26
C ASP A 64 -6.62 2.39 -11.56
N THR A 65 -7.29 2.67 -12.69
CA THR A 65 -6.63 2.47 -13.98
C THR A 65 -5.45 3.39 -14.17
N ALA A 66 -5.63 4.68 -13.96
CA ALA A 66 -4.49 5.59 -14.06
C ALA A 66 -3.42 5.25 -13.05
N PHE A 67 -3.82 4.97 -11.80
CA PHE A 67 -2.91 4.58 -10.79
C PHE A 67 -1.93 3.48 -11.26
N GLY A 68 -2.50 2.42 -11.82
CA GLY A 68 -1.73 1.26 -12.31
C GLY A 68 -0.86 1.51 -13.53
N ARG A 69 -1.12 2.62 -14.26
CA ARG A 69 -0.38 3.01 -15.45
C ARG A 69 0.67 4.06 -15.23
N ALA A 70 0.67 4.67 -14.04
CA ALA A 70 1.47 5.86 -13.79
C ALA A 70 2.92 5.47 -13.48
N ASP A 71 3.85 6.34 -13.82
CA ASP A 71 5.24 6.20 -13.39
C ASP A 71 5.37 6.45 -11.87
N TYR A 72 6.40 5.84 -11.31
CA TYR A 72 6.74 6.00 -9.93
C TYR A 72 6.85 7.46 -9.46
N PHE A 73 7.65 8.29 -10.12
CA PHE A 73 7.80 9.65 -9.67
C PHE A 73 6.45 10.44 -9.70
N ALA A 74 5.62 10.09 -10.66
CA ALA A 74 4.33 10.77 -10.84
C ALA A 74 3.44 10.43 -9.61
N LEU A 75 3.47 9.18 -9.16
CA LEU A 75 2.65 8.74 -8.02
C LEU A 75 3.17 9.26 -6.68
N THR A 76 4.47 9.45 -6.58
CA THR A 76 5.07 9.81 -5.29
C THR A 76 5.22 11.31 -5.08
N ASP A 77 5.55 12.04 -6.12
CA ASP A 77 5.80 13.44 -6.02
C ASP A 77 4.66 14.28 -6.57
N ASN A 78 3.84 13.73 -7.47
CA ASN A 78 2.82 14.48 -8.16
C ASN A 78 1.46 13.76 -8.18
N ALA A 79 1.05 13.10 -7.09
CA ALA A 79 -0.08 12.20 -7.15
C ALA A 79 -1.39 12.93 -7.48
N GLN A 80 -1.57 14.09 -6.89
CA GLN A 80 -2.84 14.78 -7.12
C GLN A 80 -2.94 15.19 -8.62
N SER A 81 -1.89 15.76 -9.16
CA SER A 81 -1.89 16.16 -10.56
C SER A 81 -2.10 14.92 -11.46
N THR A 82 -1.48 13.82 -11.08
CA THR A 82 -1.44 12.61 -11.91
C THR A 82 -2.82 11.87 -11.87
N LEU A 83 -3.45 11.86 -10.70
CA LEU A 83 -4.67 11.06 -10.49
C LEU A 83 -5.97 11.86 -10.46
N GLY A 84 -5.85 13.17 -10.20
CA GLY A 84 -7.01 14.08 -10.14
C GLY A 84 -8.05 13.56 -9.22
N GLY A 85 -9.25 13.50 -9.75
CA GLY A 85 -10.44 13.08 -8.99
C GLY A 85 -10.44 11.67 -8.48
N ASP A 86 -9.62 10.83 -9.10
CA ASP A 86 -9.51 9.41 -8.69
C ASP A 86 -8.95 9.34 -7.25
N LEU A 87 -8.20 10.35 -6.82
CA LEU A 87 -7.45 10.28 -5.56
C LEU A 87 -8.23 10.89 -4.41
N VAL A 88 -8.56 10.05 -3.43
CA VAL A 88 -9.30 10.43 -2.24
C VAL A 88 -8.32 10.87 -1.09
N GLU A 89 -7.27 10.09 -0.86
CA GLU A 89 -6.36 10.31 0.22
C GLU A 89 -5.07 9.57 -0.05
N GLN A 90 -3.99 10.13 0.45
CA GLN A 90 -2.70 9.44 0.45
C GLN A 90 -2.04 9.45 1.86
N ASP A 91 -1.60 8.32 2.36
CA ASP A 91 -1.02 8.14 3.64
C ASP A 91 0.40 7.61 3.51
N GLU A 92 1.31 8.05 4.37
CA GLU A 92 2.70 7.66 4.23
C GLU A 92 3.22 7.16 5.55
N PHE A 93 4.00 6.09 5.49
CA PHE A 93 4.58 5.37 6.64
C PHE A 93 6.04 5.11 6.32
N LEU A 94 6.90 5.12 7.31
CA LEU A 94 8.25 4.62 7.18
C LEU A 94 8.42 3.41 8.09
N LEU A 95 8.63 2.25 7.51
CA LEU A 95 8.75 1.03 8.22
C LEU A 95 10.20 0.53 8.32
N ARG A 96 10.53 -0.06 9.43
CA ARG A 96 11.82 -0.58 9.70
C ARG A 96 11.80 -2.12 9.68
N PRO A 97 12.98 -2.75 9.40
CA PRO A 97 13.00 -4.19 9.37
C PRO A 97 12.42 -4.81 10.64
N GLY A 98 11.57 -5.80 10.46
CA GLY A 98 10.93 -6.48 11.58
C GLY A 98 9.72 -5.78 12.21
N GLU A 99 9.44 -4.56 11.78
CA GLU A 99 8.32 -3.81 12.32
C GLU A 99 6.92 -4.44 12.02
N GLU A 100 6.01 -4.27 12.98
CA GLU A 100 4.63 -4.68 12.89
C GLU A 100 3.74 -3.48 13.25
N ARG A 101 2.74 -3.22 12.41
CA ARG A 101 1.72 -2.27 12.69
C ARG A 101 0.38 -2.80 12.31
N ARG A 102 -0.60 -2.21 13.01
CA ARG A 102 -2.01 -2.41 12.70
C ARG A 102 -2.60 -1.05 12.41
N ILE A 103 -3.29 -0.97 11.32
CA ILE A 103 -4.02 0.22 10.96
C ILE A 103 -5.45 -0.09 10.64
N GLU A 104 -6.36 0.81 10.98
CA GLU A 104 -7.78 0.55 10.73
C GLU A 104 -8.33 1.84 10.16
N ARG A 105 -9.14 1.71 9.11
CA ARG A 105 -9.70 2.83 8.40
C ARG A 105 -11.15 2.41 8.08
N THR A 106 -12.01 3.39 7.98
CA THR A 106 -13.20 3.29 7.19
C THR A 106 -12.94 4.01 5.90
N LEU A 107 -13.25 3.33 4.85
CA LEU A 107 -12.94 3.88 3.56
C LEU A 107 -14.02 4.77 3.23
N ASP A 108 -13.60 5.92 2.73
CA ASP A 108 -14.56 6.79 2.18
C ASP A 108 -15.69 6.04 1.35
N GLU A 109 -16.92 6.54 1.42
CA GLU A 109 -18.03 5.95 0.62
C GLU A 109 -17.75 5.92 -0.90
N GLN A 110 -16.95 6.87 -1.41
CA GLN A 110 -16.58 6.84 -2.87
C GLN A 110 -15.39 5.97 -3.22
N THR A 111 -14.74 5.45 -2.20
CA THR A 111 -13.47 4.80 -2.34
C THR A 111 -13.74 3.35 -2.63
N ARG A 112 -13.24 2.90 -3.80
CA ARG A 112 -13.45 1.56 -4.25
C ARG A 112 -12.19 0.71 -4.17
N GLN A 113 -11.00 1.32 -4.23
CA GLN A 113 -9.76 0.56 -4.22
C GLN A 113 -8.79 1.16 -3.22
N LEU A 114 -7.88 0.31 -2.78
CA LEU A 114 -6.68 0.72 -2.09
C LEU A 114 -5.48 0.49 -3.04
N GLY A 115 -4.60 1.51 -3.13
CA GLY A 115 -3.33 1.36 -3.81
C GLY A 115 -2.17 1.45 -2.85
N PHE A 116 -1.05 0.83 -3.25
CA PHE A 116 0.16 0.76 -2.45
C PHE A 116 1.36 1.02 -3.35
N VAL A 117 2.28 1.91 -2.90
CA VAL A 117 3.55 2.17 -3.54
C VAL A 117 4.64 2.09 -2.45
N ALA A 118 5.62 1.21 -2.67
CA ALA A 118 6.75 1.05 -1.75
C ALA A 118 8.01 1.52 -2.47
N ALA A 119 8.79 2.32 -1.77
CA ALA A 119 10.00 2.90 -2.31
C ALA A 119 11.18 1.96 -2.18
N TYR A 120 11.05 0.81 -2.86
CA TYR A 120 12.16 -0.15 -2.91
C TYR A 120 13.39 0.48 -3.63
N ARG A 121 14.57 0.10 -3.14
CA ARG A 121 15.85 0.62 -3.67
C ARG A 121 16.07 0.37 -5.17
N ASP A 122 15.66 -0.79 -5.60
CA ASP A 122 15.79 -1.20 -7.00
C ASP A 122 14.40 -1.56 -7.46
N LEU A 123 13.74 -0.60 -8.06
CA LEU A 123 12.35 -0.81 -8.55
C LEU A 123 12.24 -1.81 -9.70
N ASP A 124 13.32 -2.01 -10.47
CA ASP A 124 13.31 -3.04 -11.56
C ASP A 124 13.02 -4.42 -11.07
N ARG A 125 13.61 -4.81 -9.95
CA ARG A 125 13.41 -6.16 -9.44
C ARG A 125 12.20 -6.27 -8.51
N ALA A 126 11.56 -5.15 -8.19
CA ALA A 126 10.62 -5.15 -7.10
C ALA A 126 9.17 -5.21 -7.57
N THR A 127 8.31 -5.83 -6.76
CA THR A 127 6.85 -5.60 -6.87
C THR A 127 6.53 -4.47 -5.91
N TRP A 128 6.67 -3.28 -6.46
CA TRP A 128 6.56 -2.05 -5.71
C TRP A 128 5.21 -1.37 -5.72
N ARG A 129 4.28 -1.89 -6.51
CA ARG A 129 2.96 -1.38 -6.57
C ARG A 129 1.96 -2.54 -6.47
N GLN A 130 0.86 -2.30 -5.74
CA GLN A 130 -0.26 -3.18 -5.67
C GLN A 130 -1.55 -2.38 -5.65
N VAL A 131 -2.63 -2.94 -6.23
CA VAL A 131 -3.95 -2.36 -6.09
C VAL A 131 -4.90 -3.43 -5.64
N LEU A 132 -5.95 -3.04 -4.92
CA LEU A 132 -6.91 -3.98 -4.38
C LEU A 132 -8.30 -3.39 -4.44
N ASP A 133 -9.27 -3.99 -5.18
CA ASP A 133 -10.66 -3.56 -5.09
C ASP A 133 -11.19 -4.07 -3.75
N VAL A 134 -11.84 -3.21 -3.02
CA VAL A 134 -12.37 -3.46 -1.66
C VAL A 134 -13.90 -3.37 -1.73
N PRO A 135 -14.62 -4.48 -1.43
CA PRO A 135 -16.11 -4.38 -1.46
C PRO A 135 -16.67 -3.36 -0.48
N GLY A 136 -17.60 -2.57 -1.01
CA GLY A 136 -18.15 -1.47 -0.25
C GLY A 136 -19.11 -1.98 0.80
N GLN A 137 -19.17 -1.23 1.89
CA GLN A 137 -20.10 -1.46 2.96
C GLN A 137 -19.95 -2.83 3.61
N ARG A 138 -18.70 -3.34 3.54
CA ARG A 138 -18.35 -4.62 4.13
C ARG A 138 -17.00 -4.45 4.87
N THR A 139 -16.65 -5.45 5.71
CA THR A 139 -15.40 -5.45 6.45
C THR A 139 -14.37 -6.28 5.74
N SER A 140 -13.18 -5.70 5.53
CA SER A 140 -12.04 -6.40 4.96
C SER A 140 -10.86 -6.34 5.91
N HIS A 141 -10.25 -7.49 6.16
CA HIS A 141 -9.05 -7.61 6.97
C HIS A 141 -7.93 -8.13 6.06
N LEU A 142 -6.77 -7.54 6.18
CA LEU A 142 -5.64 -7.80 5.28
C LEU A 142 -4.38 -7.93 6.10
N ASP A 143 -3.55 -8.87 5.68
CA ASP A 143 -2.16 -8.98 6.13
C ASP A 143 -1.32 -8.57 4.95
N ILE A 144 -0.54 -7.47 5.15
CA ILE A 144 0.29 -6.95 4.08
C ILE A 144 1.75 -7.09 4.52
N THR A 145 2.55 -7.87 3.77
CA THR A 145 3.95 -8.10 4.05
C THR A 145 4.76 -7.23 3.12
N LEU A 146 5.72 -6.51 3.70
CA LEU A 146 6.73 -5.81 2.95
C LEU A 146 8.00 -6.67 2.99
N GLY A 147 8.24 -7.38 1.88
CA GLY A 147 9.42 -8.25 1.79
C GLY A 147 10.71 -7.59 1.34
N ALA A 148 11.72 -8.40 1.08
CA ALA A 148 12.96 -7.84 0.60
C ALA A 148 12.68 -7.01 -0.68
N GLN A 149 11.78 -7.49 -1.53
CA GLN A 149 11.56 -6.85 -2.84
C GLN A 149 10.13 -6.89 -3.37
N ALA A 150 9.14 -7.08 -2.50
CA ALA A 150 7.79 -7.17 -2.94
C ALA A 150 6.80 -6.91 -1.79
N ILE A 151 5.73 -6.23 -2.17
CA ILE A 151 4.52 -6.10 -1.37
C ILE A 151 3.68 -7.35 -1.64
N GLY A 152 3.30 -8.05 -0.59
CA GLY A 152 2.44 -9.20 -0.60
C GLY A 152 1.18 -8.96 0.24
N ILE A 153 0.01 -9.20 -0.36
CA ILE A 153 -1.23 -9.02 0.34
C ILE A 153 -1.98 -10.37 0.43
N VAL A 154 -2.49 -10.63 1.63
CA VAL A 154 -3.23 -11.85 1.96
C VAL A 154 -4.49 -11.46 2.76
N ALA A 155 -5.63 -11.96 2.33
CA ALA A 155 -6.88 -11.74 3.07
C ALA A 155 -6.81 -12.44 4.42
N ARG A 156 -7.20 -11.75 5.48
CA ARG A 156 -7.29 -12.30 6.85
C ARG A 156 -8.78 -12.51 7.19
N PRO A 157 -9.19 -13.78 7.40
CA PRO A 157 -10.57 -13.97 7.77
C PRO A 157 -10.90 -13.43 9.18
N ALA A 158 -12.19 -13.26 9.39
CA ALA A 158 -12.76 -13.11 10.71
C ALA A 158 -12.37 -14.33 11.57
N PRO A 159 -12.50 -14.22 12.92
CA PRO A 159 -13.00 -13.10 13.67
C PRO A 159 -12.03 -11.94 13.79
#